data_2J6C
#
_entry.id   2J6C
#
_cell.length_a   82.770
_cell.length_b   83.528
_cell.length_c   33.989
_cell.angle_alpha   90.00
_cell.angle_beta   90.00
_cell.angle_gamma   90.00
#
_symmetry.space_group_name_H-M   'C 2 2 21'
#
loop_
_entity.id
_entity.type
_entity.pdbx_description
1 polymer AFV3-109
2 non-polymer GLYCEROL
3 water water
#
_entity_poly.entity_id   1
_entity_poly.type   'polypeptide(L)'
_entity_poly.pdbx_seq_one_letter_code
;MLYILNSAILPLKPGEEYTVKAKEITIQEAKELVTKEQFTSAIGHQATAELLSSILGVNVPMNRVQIKVTHGDRILAFML
KQRLPEGVVVKTTEELEKIGYELWLFEIQ
;
_entity_poly.pdbx_strand_id   A
#
loop_
_chem_comp.id
_chem_comp.type
_chem_comp.name
_chem_comp.formula
GOL non-polymer GLYCEROL 'C3 H8 O3'
#
# COMPACT_ATOMS: atom_id res chain seq x y z
N MET A 1 9.40 9.07 -5.01
CA MET A 1 8.54 8.00 -5.61
C MET A 1 7.42 7.63 -4.65
N LEU A 2 6.24 7.38 -5.19
CA LEU A 2 5.12 6.80 -4.48
C LEU A 2 5.18 5.29 -4.63
N TYR A 3 5.18 4.57 -3.52
CA TYR A 3 5.16 3.11 -3.53
C TYR A 3 3.82 2.64 -2.97
N ILE A 4 3.26 1.58 -3.57
CA ILE A 4 1.97 1.01 -3.11
C ILE A 4 2.31 -0.30 -2.42
N LEU A 5 1.99 -0.38 -1.14
CA LEU A 5 2.35 -1.53 -0.31
C LEU A 5 1.07 -2.11 0.30
N ASN A 6 1.07 -3.39 0.65
CA ASN A 6 -0.16 -4.02 1.21
C ASN A 6 -0.10 -4.37 2.67
N SER A 7 0.74 -3.63 3.37
CA SER A 7 0.70 -3.52 4.81
C SER A 7 1.23 -2.13 5.11
N ALA A 8 0.97 -1.64 6.32
CA ALA A 8 1.40 -0.30 6.73
C ALA A 8 2.85 -0.39 7.15
N ILE A 9 3.69 -0.85 6.24
CA ILE A 9 5.09 -1.06 6.51
C ILE A 9 5.91 0.11 6.00
N LEU A 10 7.01 0.39 6.70
CA LEU A 10 7.94 1.46 6.38
C LEU A 10 9.29 0.79 6.19
N PRO A 11 9.59 0.30 4.97
CA PRO A 11 10.90 -0.29 4.71
C PRO A 11 11.93 0.81 4.46
N LEU A 12 12.34 1.46 5.52
CA LEU A 12 13.20 2.64 5.43
C LEU A 12 14.64 2.30 5.11
N LYS A 13 15.27 3.15 4.30
CA LYS A 13 16.68 2.97 3.98
C LYS A 13 17.50 3.25 5.21
N PRO A 14 18.37 2.30 5.60
CA PRO A 14 19.27 2.57 6.72
C PRO A 14 20.27 3.71 6.47
N GLY A 15 20.80 4.27 7.55
CA GLY A 15 21.78 5.37 7.49
C GLY A 15 21.24 6.77 7.75
N GLU A 16 19.92 6.87 7.91
CA GLU A 16 19.28 8.13 8.11
C GLU A 16 18.23 8.02 9.17
N GLU A 17 17.85 9.17 9.71
CA GLU A 17 16.68 9.28 10.55
C GLU A 17 15.58 9.95 9.74
N TYR A 18 14.35 9.65 10.10
CA TYR A 18 13.22 10.09 9.32
C TYR A 18 12.13 10.72 10.19
N THR A 19 11.39 11.62 9.55
CA THR A 19 10.13 12.09 10.08
C THR A 19 9.07 11.70 9.04
N VAL A 20 8.04 11.04 9.50
CA VAL A 20 7.03 10.50 8.59
C VAL A 20 5.67 11.03 8.99
N LYS A 21 4.98 11.64 8.05
CA LYS A 21 3.62 12.09 8.29
C LYS A 21 2.70 10.98 7.83
N ALA A 22 1.64 10.73 8.58
CA ALA A 22 0.74 9.62 8.29
C ALA A 22 -0.71 10.04 8.49
N LYS A 23 -1.53 9.71 7.51
CA LYS A 23 -2.96 9.90 7.64
C LYS A 23 -3.68 8.88 6.81
N GLU A 24 -4.91 8.58 7.20
CA GLU A 24 -5.75 7.67 6.44
C GLU A 24 -6.33 8.47 5.29
N ILE A 25 -6.42 7.84 4.12
CA ILE A 25 -7.06 8.46 2.95
C ILE A 25 -8.18 7.58 2.43
N THR A 26 -9.00 8.14 1.58
CA THR A 26 -10.10 7.40 1.01
C THR A 26 -9.67 6.70 -0.30
N ILE A 27 -10.49 5.79 -0.78
CA ILE A 27 -10.29 5.23 -2.12
C ILE A 27 -10.22 6.33 -3.17
N GLN A 28 -11.09 7.34 -3.07
CA GLN A 28 -11.04 8.43 -4.05
C GLN A 28 -9.72 9.21 -4.01
N GLU A 29 -9.23 9.50 -2.82
CA GLU A 29 -7.94 10.15 -2.70
C GLU A 29 -6.81 9.27 -3.25
N ALA A 30 -6.91 7.97 -3.02
CA ALA A 30 -5.92 6.99 -3.53
C ALA A 30 -5.97 6.97 -5.05
N LYS A 31 -7.16 7.04 -5.61
CA LYS A 31 -7.33 7.07 -7.07
C LYS A 31 -6.64 8.29 -7.64
N GLU A 32 -6.82 9.44 -6.99
CA GLU A 32 -6.15 10.68 -7.40
C GLU A 32 -4.65 10.49 -7.39
N LEU A 33 -4.13 9.86 -6.35
CA LEU A 33 -2.70 9.63 -6.26
C LEU A 33 -2.18 8.78 -7.40
N VAL A 34 -2.80 7.64 -7.62
CA VAL A 34 -2.26 6.68 -8.60
C VAL A 34 -2.61 7.05 -10.03
N THR A 35 -3.44 8.07 -10.21
CA THR A 35 -3.73 8.55 -11.54
C THR A 35 -2.87 9.74 -11.91
N LYS A 36 -2.37 10.49 -10.93
CA LYS A 36 -1.66 11.76 -11.18
C LYS A 36 -0.18 11.76 -10.87
N GLU A 37 0.31 10.70 -10.23
CA GLU A 37 1.69 10.62 -9.79
C GLU A 37 2.35 9.37 -10.31
N GLN A 38 3.66 9.45 -10.52
CA GLN A 38 4.42 8.24 -10.82
C GLN A 38 4.29 7.36 -9.58
N PHE A 39 4.24 6.06 -9.81
CA PHE A 39 4.15 5.10 -8.70
C PHE A 39 4.76 3.76 -9.07
N THR A 40 5.24 3.08 -8.04
CA THR A 40 5.72 1.72 -8.16
C THR A 40 4.93 0.89 -7.20
N SER A 41 4.34 -0.18 -7.72
CA SER A 41 3.64 -1.12 -6.89
C SER A 41 4.63 -2.10 -6.31
N ALA A 42 4.54 -2.34 -5.01
CA ALA A 42 5.27 -3.43 -4.39
C ALA A 42 4.27 -4.35 -3.67
N ILE A 43 3.08 -4.48 -4.23
CA ILE A 43 2.03 -5.31 -3.62
C ILE A 43 2.43 -6.78 -3.77
N GLY A 44 2.36 -7.55 -2.69
CA GLY A 44 2.86 -8.92 -2.72
C GLY A 44 1.78 -9.96 -2.68
N HIS A 45 0.54 -9.53 -2.92
CA HIS A 45 -0.61 -10.39 -2.72
C HIS A 45 -1.57 -10.17 -3.87
N GLN A 46 -1.87 -11.23 -4.62
CA GLN A 46 -2.61 -11.10 -5.87
C GLN A 46 -4.03 -10.57 -5.62
N ALA A 47 -4.74 -11.13 -4.64
CA ALA A 47 -6.11 -10.68 -4.41
C ALA A 47 -6.16 -9.20 -4.02
N THR A 48 -5.17 -8.74 -3.26
CA THR A 48 -5.09 -7.32 -2.88
C THR A 48 -4.80 -6.46 -4.14
N ALA A 49 -3.92 -6.95 -5.00
CA ALA A 49 -3.64 -6.25 -6.25
C ALA A 49 -4.91 -6.13 -7.09
N GLU A 50 -5.65 -7.23 -7.14
CA GLU A 50 -6.90 -7.26 -7.91
C GLU A 50 -7.95 -6.36 -7.27
N LEU A 51 -8.07 -6.41 -5.95
CA LEU A 51 -9.05 -5.53 -5.29
C LEU A 51 -8.75 -4.07 -5.55
N LEU A 52 -7.52 -3.68 -5.30
CA LEU A 52 -7.09 -2.29 -5.49
C LEU A 52 -7.29 -1.84 -6.94
N SER A 53 -6.85 -2.67 -7.88
CA SER A 53 -7.01 -2.35 -9.28
C SER A 53 -8.47 -2.14 -9.66
N SER A 54 -9.35 -2.98 -9.13
CA SER A 54 -10.79 -2.87 -9.39
C SER A 54 -11.38 -1.61 -8.81
N ILE A 55 -11.10 -1.32 -7.54
CA ILE A 55 -11.69 -0.16 -6.80
C ILE A 55 -11.05 1.17 -7.21
N LEU A 56 -9.83 1.15 -7.72
CA LEU A 56 -9.19 2.38 -8.18
C LEU A 56 -9.30 2.57 -9.67
N GLY A 57 -9.67 1.52 -10.40
CA GLY A 57 -9.70 1.56 -11.84
C GLY A 57 -8.34 1.85 -12.48
N VAL A 58 -7.29 1.35 -11.84
CA VAL A 58 -5.93 1.47 -12.37
C VAL A 58 -5.24 0.14 -12.21
N ASN A 59 -4.31 -0.15 -13.08
CA ASN A 59 -3.54 -1.36 -12.98
C ASN A 59 -2.50 -1.27 -11.88
N VAL A 60 -2.80 -1.90 -10.74
CA VAL A 60 -1.85 -1.98 -9.63
C VAL A 60 -1.45 -3.44 -9.59
N PRO A 61 -0.29 -3.76 -10.16
CA PRO A 61 0.09 -5.16 -10.27
C PRO A 61 0.70 -5.69 -8.99
N MET A 62 0.64 -7.00 -8.81
CA MET A 62 1.48 -7.62 -7.80
C MET A 62 2.92 -7.51 -8.31
N ASN A 63 3.83 -7.15 -7.42
CA ASN A 63 5.22 -6.90 -7.80
C ASN A 63 6.01 -7.14 -6.55
N ARG A 64 6.44 -8.39 -6.37
CA ARG A 64 7.13 -8.82 -5.16
C ARG A 64 8.59 -8.40 -5.21
N VAL A 65 8.84 -7.11 -5.18
CA VAL A 65 10.20 -6.58 -5.22
C VAL A 65 10.56 -6.02 -3.85
N GLN A 66 11.85 -6.09 -3.50
CA GLN A 66 12.26 -5.40 -2.30
C GLN A 66 12.42 -3.94 -2.66
N ILE A 67 11.93 -3.08 -1.78
CA ILE A 67 12.07 -1.63 -1.91
C ILE A 67 12.66 -1.05 -0.64
N LYS A 68 13.26 0.12 -0.77
CA LYS A 68 13.71 0.91 0.36
C LYS A 68 13.25 2.31 0.12
N VAL A 69 12.57 2.90 1.09
CA VAL A 69 12.08 4.24 0.95
C VAL A 69 12.99 5.21 1.67
N THR A 70 13.13 6.39 1.09
CA THR A 70 13.99 7.41 1.62
C THR A 70 13.28 8.76 1.63
N HIS A 71 14.06 9.81 1.90
CA HIS A 71 13.55 11.15 1.98
C HIS A 71 12.85 11.53 0.70
N GLY A 72 11.63 12.03 0.83
CA GLY A 72 10.86 12.52 -0.29
C GLY A 72 9.91 11.48 -0.88
N ASP A 73 10.08 10.22 -0.51
CA ASP A 73 9.17 9.16 -0.96
C ASP A 73 7.85 9.20 -0.22
N ARG A 74 6.84 8.58 -0.82
CA ARG A 74 5.54 8.35 -0.14
C ARG A 74 5.14 6.92 -0.28
N ILE A 75 4.32 6.46 0.67
CA ILE A 75 3.82 5.11 0.64
C ILE A 75 2.30 5.19 0.74
N LEU A 76 1.63 4.53 -0.20
CA LEU A 76 0.19 4.30 -0.09
C LEU A 76 0.07 2.88 0.43
N ALA A 77 -0.36 2.70 1.67
CA ALA A 77 -0.43 1.38 2.30
C ALA A 77 -1.84 0.88 2.42
N PHE A 78 -2.07 -0.34 1.93
CA PHE A 78 -3.28 -1.10 2.18
C PHE A 78 -3.06 -1.85 3.47
N MET A 79 -3.93 -1.62 4.45
CA MET A 79 -3.82 -2.27 5.75
C MET A 79 -5.15 -2.93 6.13
N LEU A 80 -5.13 -4.24 6.31
CA LEU A 80 -6.31 -4.96 6.78
C LEU A 80 -6.66 -4.50 8.19
N LYS A 81 -7.95 -4.49 8.52
CA LYS A 81 -8.44 -4.00 9.81
C LYS A 81 -8.32 -5.02 10.95
N GLN A 82 -7.96 -6.25 10.62
CA GLN A 82 -7.70 -7.29 11.62
C GLN A 82 -6.36 -7.91 11.33
N ARG A 83 -5.68 -8.31 12.39
CA ARG A 83 -4.41 -8.98 12.28
C ARG A 83 -4.64 -10.44 12.01
N LEU A 84 -3.97 -10.98 11.00
CA LEU A 84 -4.06 -12.40 10.72
C LEU A 84 -2.80 -13.12 11.19
N PRO A 85 -2.91 -14.41 11.56
CA PRO A 85 -1.71 -15.15 11.92
C PRO A 85 -0.71 -15.16 10.80
N GLU A 86 0.57 -15.26 11.12
CA GLU A 86 1.60 -15.32 10.09
C GLU A 86 1.43 -16.61 9.29
N GLY A 87 1.63 -16.51 7.99
CA GLY A 87 1.47 -17.64 7.11
C GLY A 87 0.10 -17.70 6.46
N VAL A 88 -0.90 -17.04 7.06
CA VAL A 88 -2.26 -17.07 6.51
C VAL A 88 -2.31 -16.11 5.35
N VAL A 89 -2.76 -16.62 4.21
CA VAL A 89 -2.84 -15.85 2.98
C VAL A 89 -4.30 -15.80 2.55
N VAL A 90 -4.89 -14.62 2.55
CA VAL A 90 -6.30 -14.47 2.15
C VAL A 90 -6.41 -14.81 0.67
N LYS A 91 -7.43 -15.58 0.29
CA LYS A 91 -7.54 -16.05 -1.07
C LYS A 91 -8.41 -15.20 -1.97
N THR A 92 -9.37 -14.47 -1.41
CA THR A 92 -10.36 -13.75 -2.22
C THR A 92 -10.44 -12.27 -1.89
N THR A 93 -10.85 -11.49 -2.88
CA THR A 93 -11.12 -10.10 -2.65
C THR A 93 -12.30 -9.92 -1.71
N GLU A 94 -13.30 -10.80 -1.78
CA GLU A 94 -14.45 -10.71 -0.90
C GLU A 94 -14.07 -10.85 0.55
N GLU A 95 -13.15 -11.76 0.86
CA GLU A 95 -12.67 -11.87 2.24
C GLU A 95 -11.95 -10.60 2.69
N LEU A 96 -11.11 -10.01 1.83
CA LEU A 96 -10.42 -8.77 2.19
C LEU A 96 -11.44 -7.69 2.55
N GLU A 97 -12.50 -7.59 1.74
CA GLU A 97 -13.51 -6.57 1.99
C GLU A 97 -14.28 -6.81 3.27
N LYS A 98 -14.54 -8.08 3.59
CA LYS A 98 -15.30 -8.40 4.77
C LYS A 98 -14.47 -8.26 6.04
N ILE A 99 -13.19 -8.61 5.97
CA ILE A 99 -12.30 -8.26 7.07
C ILE A 99 -12.26 -6.76 7.24
N GLY A 100 -12.21 -6.06 6.11
CA GLY A 100 -12.14 -4.60 6.12
C GLY A 100 -10.71 -4.13 5.99
N TYR A 101 -10.56 -2.93 5.45
CA TYR A 101 -9.23 -2.39 5.25
C TYR A 101 -9.25 -0.86 5.37
N GLU A 102 -8.03 -0.33 5.50
CA GLU A 102 -7.80 1.08 5.51
C GLU A 102 -6.67 1.38 4.54
N LEU A 103 -6.72 2.57 3.94
CA LEU A 103 -5.62 3.04 3.14
C LEU A 103 -4.94 4.16 3.88
N TRP A 104 -3.62 4.04 4.05
CA TRP A 104 -2.87 5.08 4.75
C TRP A 104 -1.83 5.66 3.84
N LEU A 105 -1.59 6.94 3.97
CA LEU A 105 -0.56 7.62 3.19
C LEU A 105 0.53 8.11 4.15
N PHE A 106 1.74 7.63 3.90
CA PHE A 106 2.91 8.01 4.68
C PHE A 106 3.81 8.86 3.82
N GLU A 107 4.23 10.01 4.34
CA GLU A 107 5.09 10.91 3.57
C GLU A 107 6.40 10.99 4.31
N ILE A 108 7.49 10.57 3.66
CA ILE A 108 8.80 10.39 4.30
C ILE A 108 9.71 11.59 4.03
N GLN A 109 10.44 12.01 5.05
CA GLN A 109 11.50 13.02 4.88
C GLN A 109 12.61 12.82 5.91
C1 GOL B . -3.64 -10.78 3.25
O1 GOL B . -3.34 -12.14 2.92
C2 GOL B . -3.00 -9.79 2.27
O2 GOL B . -1.61 -9.81 2.48
C3 GOL B . -3.53 -8.37 2.48
O3 GOL B . -2.94 -7.44 1.59
#